data_4Z3P
#
_entry.id   4Z3P
#
_cell.length_a   80.220
_cell.length_b   80.220
_cell.length_c   175.251
_cell.angle_alpha   90.00
_cell.angle_beta   90.00
_cell.angle_gamma   120.00
#
_symmetry.space_group_name_H-M   'P 31 2 1'
#
loop_
_entity.id
_entity.type
_entity.pdbx_description
1 polymer 'Putative drug/sodium antiporter'
2 non-polymer 'RUBIDIUM ION'
3 non-polymer 'CACODYLATE ION'
4 water water
#
_entity_poly.entity_id   1
_entity_poly.type   'polypeptide(L)'
_entity_poly.pdbx_seq_one_letter_code
;MTVNKLEPDNGTPNDELFTVAGMFDGSLYKLLLRMALPMFVGMLTQVTYAIADIFWLSHIDVTNSGIIAGVGLVFPVGMG
LFAIANGIQIGMGSLLSRAIGMQRLDRAQRILSVGIIIALFFAIVITVLGYVYAQPLLRSLGATKSIIGYATEFYYYSLL
TVFSIMLIGVMMGLFQGAGKIMVIMKASLLGALVNIMLDPIMIFVFDFGVKGVALASFLAQLSMVAYFIYTLMGLHIGLS
IRIALRPFSWKIYREFLSVGMAQMLMQLIIAVGIVIYNFFIVRLDVNAMAAFTLTGRIDYFIITPMLAIATALLTVVGQN
WGHGNVTRTLNAYWAAVALAFSIVLVLAVMHIVLAPWMYPLFTRVVAVSDYAVLQTRIMALALPFVAISLLASEYYQAIG
KPWYSVLLTLMRHVFISVPVVYLLAIVLEMRITGVYFGAMSGTFVAALLAWRLLRLSPRLLRWNQEAVRSQHLDMEVAPA
DDDDKLAAAHHHHHHHHHH
;
_entity_poly.pdbx_strand_id   A
#
loop_
_chem_comp.id
_chem_comp.type
_chem_comp.name
_chem_comp.formula
CAC non-polymer 'CACODYLATE ION' 'C2 H6 As O2 -1'
RB non-polymer 'RUBIDIUM ION' 'Rb 1'
#
# COMPACT_ATOMS: atom_id res chain seq x y z
N PHE A 18 -4.16 24.42 3.77
CA PHE A 18 -2.71 24.33 3.58
C PHE A 18 -1.95 24.14 4.88
N THR A 19 -2.38 24.92 5.89
CA THR A 19 -1.64 25.09 7.14
C THR A 19 -1.33 23.78 7.90
N VAL A 20 -2.37 23.05 8.30
CA VAL A 20 -2.27 21.86 9.18
C VAL A 20 -1.62 22.17 10.53
N ALA A 21 -2.40 22.81 11.41
CA ALA A 21 -1.88 23.36 12.66
C ALA A 21 -1.07 22.40 13.51
N GLY A 22 0.09 22.87 13.95
CA GLY A 22 1.01 22.07 14.74
C GLY A 22 2.23 21.61 13.96
N MET A 23 2.22 21.75 12.64
CA MET A 23 3.21 21.07 11.80
C MET A 23 4.65 21.45 12.10
N PHE A 24 4.92 22.75 12.21
CA PHE A 24 6.29 23.25 12.41
C PHE A 24 6.78 23.38 13.88
N ASP A 25 5.94 23.94 14.73
CA ASP A 25 6.29 24.13 16.14
C ASP A 25 5.68 23.12 17.12
N GLY A 26 4.87 22.20 16.64
CA GLY A 26 4.06 21.39 17.54
C GLY A 26 4.74 20.22 18.25
N SER A 27 3.94 19.44 18.95
CA SER A 27 4.38 18.12 19.35
C SER A 27 4.16 17.19 18.18
N LEU A 28 5.17 16.38 17.90
CA LEU A 28 5.10 15.50 16.76
C LEU A 28 4.16 14.36 17.01
N TYR A 29 3.93 14.01 18.27
CA TYR A 29 3.04 12.88 18.56
C TYR A 29 1.58 13.23 18.29
N LYS A 30 1.17 14.41 18.75
CA LYS A 30 -0.17 14.91 18.49
C LYS A 30 -0.34 15.08 16.99
N LEU A 31 0.64 15.71 16.34
CA LEU A 31 0.57 15.95 14.90
C LEU A 31 0.42 14.63 14.13
N LEU A 32 1.29 13.68 14.46
CA LEU A 32 1.35 12.42 13.76
C LEU A 32 0.05 11.68 13.91
N LEU A 33 -0.45 11.59 15.14
CA LEU A 33 -1.69 10.86 15.38
C LEU A 33 -2.91 11.56 14.79
N ARG A 34 -2.89 12.88 14.81
CA ARG A 34 -4.04 13.61 14.35
C ARG A 34 -4.14 13.40 12.84
N MET A 35 -3.02 13.31 12.14
CA MET A 35 -3.16 13.02 10.72
C MET A 35 -3.41 11.54 10.49
N ALA A 36 -2.85 10.69 11.35
CA ALA A 36 -2.83 9.26 11.09
C ALA A 36 -4.14 8.57 11.39
N LEU A 37 -4.94 9.09 12.30
CA LEU A 37 -6.24 8.44 12.59
C LEU A 37 -7.27 8.52 11.44
N PRO A 38 -7.57 9.73 10.90
CA PRO A 38 -8.50 9.82 9.77
C PRO A 38 -8.14 8.87 8.67
N MET A 39 -6.84 8.84 8.35
CA MET A 39 -6.32 7.96 7.32
C MET A 39 -6.58 6.51 7.68
N PHE A 40 -6.60 6.22 8.97
CA PHE A 40 -6.82 4.84 9.39
C PHE A 40 -8.29 4.45 9.32
N VAL A 41 -9.17 5.37 9.69
CA VAL A 41 -10.61 5.19 9.49
C VAL A 41 -10.89 4.93 8.01
N GLY A 42 -10.22 5.73 7.17
CA GLY A 42 -10.29 5.59 5.73
C GLY A 42 -9.91 4.20 5.28
N MET A 43 -8.73 3.74 5.68
CA MET A 43 -8.29 2.38 5.37
C MET A 43 -9.26 1.32 5.90
N LEU A 44 -9.95 1.63 6.99
CA LEU A 44 -10.95 0.72 7.52
C LEU A 44 -12.15 0.59 6.62
N THR A 45 -12.60 1.69 6.05
CA THR A 45 -13.76 1.63 5.16
C THR A 45 -13.53 0.70 3.96
N GLN A 46 -12.29 0.63 3.49
CA GLN A 46 -11.96 -0.21 2.33
C GLN A 46 -12.50 -1.62 2.49
N VAL A 47 -12.51 -2.12 3.72
CA VAL A 47 -12.98 -3.48 4.01
C VAL A 47 -14.45 -3.71 3.68
N THR A 48 -15.27 -2.72 4.06
CA THR A 48 -16.72 -2.81 3.91
C THR A 48 -17.11 -3.10 2.46
N TYR A 49 -16.25 -2.71 1.52
CA TYR A 49 -16.48 -3.10 0.14
C TYR A 49 -16.58 -4.60 0.05
N ALA A 50 -15.53 -5.30 0.44
CA ALA A 50 -15.56 -6.75 0.36
C ALA A 50 -16.74 -7.30 1.16
N ILE A 51 -16.89 -6.87 2.40
CA ILE A 51 -17.97 -7.41 3.23
C ILE A 51 -19.37 -7.25 2.61
N ALA A 52 -19.74 -6.01 2.26
CA ALA A 52 -21.05 -5.73 1.65
C ALA A 52 -21.19 -6.52 0.37
N ASP A 53 -20.11 -6.59 -0.40
CA ASP A 53 -20.15 -7.30 -1.67
C ASP A 53 -20.48 -8.76 -1.45
N ILE A 54 -19.67 -9.48 -0.67
CA ILE A 54 -19.93 -10.92 -0.52
C ILE A 54 -21.24 -11.17 0.24
N PHE A 55 -21.71 -10.16 0.98
CA PHE A 55 -23.00 -10.22 1.65
C PHE A 55 -24.16 -10.22 0.67
N TRP A 56 -24.12 -9.32 -0.31
CA TRP A 56 -25.21 -9.25 -1.28
C TRP A 56 -25.06 -10.28 -2.41
N LEU A 57 -23.83 -10.72 -2.68
CA LEU A 57 -23.55 -11.75 -3.68
C LEU A 57 -24.04 -13.12 -3.24
N SER A 58 -24.50 -13.18 -2.00
CA SER A 58 -25.06 -14.38 -1.41
C SER A 58 -26.52 -14.50 -1.85
N HIS A 59 -26.92 -13.58 -2.73
CA HIS A 59 -28.30 -13.42 -3.18
C HIS A 59 -29.18 -13.18 -1.95
N GLY A 66 -20.67 -20.80 -9.60
CA GLY A 66 -19.39 -21.20 -10.17
C GLY A 66 -19.36 -21.16 -11.69
N ILE A 67 -19.81 -20.04 -12.25
CA ILE A 67 -19.76 -19.81 -13.70
C ILE A 67 -19.00 -18.49 -13.95
N ILE A 68 -19.50 -17.40 -13.38
CA ILE A 68 -18.90 -16.07 -13.51
C ILE A 68 -17.80 -15.87 -12.45
N ALA A 69 -17.48 -16.95 -11.74
CA ALA A 69 -16.41 -16.98 -10.76
C ALA A 69 -15.08 -16.43 -11.31
N GLY A 70 -14.93 -16.43 -12.63
CA GLY A 70 -13.76 -15.85 -13.29
C GLY A 70 -13.55 -14.35 -13.07
N VAL A 71 -14.50 -13.70 -12.39
CA VAL A 71 -14.25 -12.35 -11.87
C VAL A 71 -12.92 -12.40 -11.09
N GLY A 72 -12.74 -13.46 -10.31
CA GLY A 72 -11.53 -13.63 -9.51
C GLY A 72 -10.27 -13.64 -10.34
N LEU A 73 -10.35 -14.18 -11.55
CA LEU A 73 -9.18 -14.32 -12.39
C LEU A 73 -8.63 -12.96 -12.76
N VAL A 74 -9.48 -11.95 -12.74
CA VAL A 74 -9.01 -10.60 -13.10
C VAL A 74 -8.65 -9.73 -11.89
N PHE A 75 -8.86 -10.27 -10.67
CA PHE A 75 -8.58 -9.52 -9.43
C PHE A 75 -7.13 -8.98 -9.27
N PRO A 76 -6.10 -9.71 -9.74
CA PRO A 76 -4.75 -9.14 -9.84
C PRO A 76 -4.58 -7.83 -10.64
N VAL A 77 -5.31 -7.65 -11.74
CA VAL A 77 -5.09 -6.48 -12.59
C VAL A 77 -5.51 -5.26 -11.81
N GLY A 78 -6.57 -5.39 -11.02
CA GLY A 78 -6.99 -4.31 -10.16
C GLY A 78 -5.87 -3.91 -9.22
N MET A 79 -5.26 -4.93 -8.61
CA MET A 79 -4.19 -4.68 -7.67
C MET A 79 -2.96 -4.11 -8.37
N GLY A 80 -2.89 -4.26 -9.69
CA GLY A 80 -1.84 -3.62 -10.43
C GLY A 80 -2.13 -2.14 -10.43
N LEU A 81 -3.35 -1.83 -10.86
CA LEU A 81 -3.78 -0.46 -11.10
C LEU A 81 -3.64 0.38 -9.85
N PHE A 82 -4.17 -0.14 -8.75
CA PHE A 82 -4.10 0.57 -7.48
C PHE A 82 -2.67 0.92 -7.13
N ALA A 83 -1.75 -0.03 -7.32
CA ALA A 83 -0.33 0.25 -7.08
C ALA A 83 0.17 1.41 -7.93
N ILE A 84 -0.20 1.42 -9.20
CA ILE A 84 0.19 2.51 -10.06
C ILE A 84 -0.41 3.78 -9.53
N ALA A 85 -1.66 3.68 -9.13
CA ALA A 85 -2.37 4.81 -8.58
C ALA A 85 -1.61 5.27 -7.35
N ASN A 86 -1.22 4.31 -6.53
CA ASN A 86 -0.47 4.64 -5.34
C ASN A 86 0.81 5.41 -5.66
N GLY A 87 1.50 5.03 -6.73
CA GLY A 87 2.70 5.73 -7.15
C GLY A 87 2.39 7.20 -7.37
N ILE A 88 1.37 7.45 -8.19
CA ILE A 88 0.92 8.81 -8.49
C ILE A 88 0.52 9.55 -7.23
N GLN A 89 0.04 8.84 -6.23
CA GLN A 89 -0.25 9.51 -4.98
C GLN A 89 1.01 10.04 -4.30
N ILE A 90 2.00 9.18 -4.13
CA ILE A 90 3.12 9.51 -3.27
C ILE A 90 3.95 10.56 -3.98
N GLY A 91 4.19 10.33 -5.26
CA GLY A 91 4.80 11.35 -6.08
C GLY A 91 4.13 12.71 -5.88
N MET A 92 2.79 12.73 -5.92
CA MET A 92 2.06 13.96 -5.67
C MET A 92 2.38 14.46 -4.26
N GLY A 93 2.09 13.60 -3.29
CA GLY A 93 2.17 13.99 -1.90
C GLY A 93 3.56 14.50 -1.60
N SER A 94 4.56 13.74 -2.05
CA SER A 94 5.92 14.12 -1.77
C SER A 94 6.26 15.48 -2.37
N LEU A 95 5.88 15.74 -3.62
CA LEU A 95 6.35 16.97 -4.27
C LEU A 95 5.66 18.19 -3.69
N LEU A 96 4.33 18.12 -3.71
CA LEU A 96 3.48 19.20 -3.26
C LEU A 96 3.79 19.61 -1.83
N SER A 97 3.88 18.65 -0.92
CA SER A 97 4.18 18.94 0.49
C SER A 97 5.52 19.67 0.69
N ARG A 98 6.51 19.47 -0.19
CA ARG A 98 7.77 20.19 -0.03
C ARG A 98 7.57 21.59 -0.56
N ALA A 99 6.83 21.72 -1.65
CA ALA A 99 6.59 23.04 -2.23
C ALA A 99 5.77 23.91 -1.29
N ILE A 100 4.80 23.32 -0.61
CA ILE A 100 4.06 24.03 0.41
C ILE A 100 4.97 24.42 1.58
N GLY A 101 5.96 23.60 1.93
CA GLY A 101 6.86 23.94 3.02
C GLY A 101 7.83 25.08 2.72
N MET A 102 8.14 25.25 1.42
CA MET A 102 8.99 26.32 0.93
C MET A 102 8.14 27.54 0.65
N GLN A 103 6.87 27.44 1.02
CA GLN A 103 5.88 28.49 0.79
C GLN A 103 5.89 29.00 -0.65
N ARG A 104 6.11 28.15 -1.63
CA ARG A 104 5.85 28.59 -2.99
C ARG A 104 4.61 27.90 -3.49
N LEU A 105 3.46 28.58 -3.50
CA LEU A 105 2.34 27.88 -4.08
C LEU A 105 2.36 28.43 -5.47
N ASP A 106 3.24 27.81 -6.20
CA ASP A 106 3.67 28.32 -7.46
C ASP A 106 4.12 27.02 -8.15
N ARG A 107 5.17 26.45 -7.56
CA ARG A 107 5.57 25.08 -7.81
C ARG A 107 4.43 24.15 -7.44
N ALA A 108 3.59 24.55 -6.48
CA ALA A 108 2.43 23.75 -6.08
C ALA A 108 1.42 23.56 -7.22
N GLN A 109 0.98 24.67 -7.83
CA GLN A 109 0.02 24.58 -8.93
C GLN A 109 0.63 23.91 -10.16
N ARG A 110 1.88 24.28 -10.45
CA ARG A 110 2.65 23.60 -11.47
C ARG A 110 2.60 22.09 -11.27
N ILE A 111 2.69 21.70 -9.99
CA ILE A 111 2.78 20.30 -9.62
C ILE A 111 1.47 19.64 -9.87
N LEU A 112 0.39 20.33 -9.51
CA LEU A 112 -0.94 19.76 -9.74
C LEU A 112 -1.09 19.48 -11.23
N SER A 113 -0.65 20.41 -12.07
CA SER A 113 -0.80 20.24 -13.51
C SER A 113 0.04 19.10 -14.07
N VAL A 114 1.31 19.05 -13.68
CA VAL A 114 2.18 17.95 -14.11
C VAL A 114 1.63 16.59 -13.66
N GLY A 115 1.35 16.47 -12.37
CA GLY A 115 0.77 15.25 -11.82
C GLY A 115 -0.46 14.76 -12.58
N ILE A 116 -1.37 15.70 -12.84
CA ILE A 116 -2.55 15.42 -13.62
C ILE A 116 -2.19 14.87 -15.02
N ILE A 117 -1.19 15.49 -15.68
CA ILE A 117 -0.79 15.05 -17.02
C ILE A 117 -0.16 13.66 -17.02
N ILE A 118 0.63 13.39 -15.99
CA ILE A 118 1.21 12.08 -15.76
C ILE A 118 0.12 11.04 -15.60
N ALA A 119 -0.86 11.37 -14.76
CA ALA A 119 -2.03 10.55 -14.58
C ALA A 119 -2.69 10.25 -15.91
N LEU A 120 -2.71 11.26 -16.77
CA LEU A 120 -3.36 11.09 -18.06
C LEU A 120 -2.62 10.09 -18.92
N PHE A 121 -1.33 10.35 -19.14
CA PHE A 121 -0.52 9.50 -20.02
C PHE A 121 -0.46 8.07 -19.50
N PHE A 122 -0.45 7.94 -18.18
CA PHE A 122 -0.50 6.61 -17.60
C PHE A 122 -1.81 5.92 -18.00
N ALA A 123 -2.93 6.60 -17.77
CA ALA A 123 -4.25 6.08 -18.15
C ALA A 123 -4.25 5.57 -19.58
N ILE A 124 -3.84 6.44 -20.51
CA ILE A 124 -3.80 6.10 -21.93
C ILE A 124 -2.88 4.92 -22.33
N VAL A 125 -1.58 5.02 -22.02
CA VAL A 125 -0.64 3.94 -22.35
C VAL A 125 -1.11 2.61 -21.74
N ILE A 126 -1.58 2.66 -20.50
CA ILE A 126 -2.10 1.46 -19.81
C ILE A 126 -3.34 0.85 -20.49
N THR A 127 -4.31 1.68 -20.88
CA THR A 127 -5.51 1.15 -21.53
C THR A 127 -5.27 0.63 -22.96
N VAL A 128 -4.38 1.30 -23.71
CA VAL A 128 -4.07 0.89 -25.08
C VAL A 128 -3.21 -0.38 -25.09
N LEU A 129 -2.16 -0.39 -24.29
CA LEU A 129 -1.29 -1.55 -24.24
C LEU A 129 -2.08 -2.71 -23.68
N GLY A 130 -2.94 -2.41 -22.71
CA GLY A 130 -3.75 -3.43 -22.06
C GLY A 130 -4.69 -4.07 -23.05
N TYR A 131 -5.32 -3.23 -23.86
CA TYR A 131 -6.18 -3.69 -24.93
C TYR A 131 -5.43 -4.60 -25.89
N VAL A 132 -4.37 -4.10 -26.52
CA VAL A 132 -3.72 -4.85 -27.62
C VAL A 132 -3.05 -6.15 -27.15
N TYR A 133 -2.58 -6.19 -25.92
CA TYR A 133 -1.97 -7.39 -25.38
C TYR A 133 -2.96 -8.23 -24.57
N ALA A 134 -4.24 -7.93 -24.71
CA ALA A 134 -5.29 -8.53 -23.87
C ALA A 134 -5.20 -10.04 -23.74
N GLN A 135 -5.19 -10.72 -24.87
CA GLN A 135 -5.28 -12.18 -24.87
C GLN A 135 -4.05 -12.86 -24.22
N PRO A 136 -2.81 -12.44 -24.56
CA PRO A 136 -1.68 -13.03 -23.85
C PRO A 136 -1.67 -12.79 -22.34
N LEU A 137 -1.94 -11.56 -21.92
CA LEU A 137 -2.00 -11.27 -20.48
C LEU A 137 -2.99 -12.19 -19.82
N LEU A 138 -4.17 -12.27 -20.41
CA LEU A 138 -5.21 -13.14 -19.88
C LEU A 138 -4.79 -14.62 -19.86
N ARG A 139 -3.93 -15.02 -20.79
CA ARG A 139 -3.45 -16.38 -20.79
C ARG A 139 -2.55 -16.62 -19.60
N SER A 140 -1.71 -15.64 -19.29
CA SER A 140 -0.68 -15.81 -18.27
C SER A 140 -1.28 -15.68 -16.85
N LEU A 141 -2.58 -15.51 -16.81
CA LEU A 141 -3.34 -15.48 -15.57
C LEU A 141 -4.09 -16.79 -15.34
N GLY A 142 -5.18 -17.22 -15.86
CA GLY A 142 -6.08 -18.37 -15.69
C GLY A 142 -6.55 -19.11 -16.93
N ALA A 143 -6.98 -20.43 -16.79
CA ALA A 143 -7.28 -21.30 -17.87
C ALA A 143 -8.71 -21.28 -18.34
N THR A 144 -9.09 -21.39 -19.61
CA THR A 144 -10.32 -21.08 -20.32
C THR A 144 -11.36 -22.25 -20.47
N LYS A 145 -10.93 -23.50 -20.09
CA LYS A 145 -11.78 -24.71 -20.20
C LYS A 145 -13.23 -24.43 -19.80
N SER A 146 -13.41 -23.50 -18.87
CA SER A 146 -14.75 -22.99 -18.55
C SER A 146 -14.76 -21.48 -18.75
N ILE A 147 -14.03 -20.77 -17.90
CA ILE A 147 -14.08 -19.31 -17.86
C ILE A 147 -12.97 -18.65 -18.67
N ILE A 148 -13.36 -17.85 -19.65
CA ILE A 148 -12.58 -16.90 -20.40
C ILE A 148 -13.28 -15.67 -21.07
N GLY A 149 -14.40 -15.98 -21.72
CA GLY A 149 -15.29 -14.96 -22.28
C GLY A 149 -15.63 -14.04 -21.13
N TYR A 150 -16.07 -14.61 -20.01
CA TYR A 150 -16.30 -13.83 -18.80
C TYR A 150 -15.04 -13.07 -18.44
N ALA A 151 -13.94 -13.79 -18.44
CA ALA A 151 -12.65 -13.22 -18.10
C ALA A 151 -12.28 -12.03 -18.99
N THR A 152 -12.51 -12.13 -20.29
CA THR A 152 -12.09 -11.06 -21.18
C THR A 152 -13.06 -9.90 -21.13
N GLU A 153 -14.31 -10.21 -20.81
CA GLU A 153 -15.33 -9.19 -20.59
C GLU A 153 -14.96 -8.32 -19.41
N PHE A 154 -14.73 -8.95 -18.27
CA PHE A 154 -14.36 -8.24 -17.06
C PHE A 154 -12.99 -7.61 -17.14
N TYR A 155 -12.08 -8.27 -17.82
CA TYR A 155 -10.81 -7.63 -18.15
C TYR A 155 -11.07 -6.29 -18.81
N TYR A 156 -11.91 -6.27 -19.85
CA TYR A 156 -12.26 -5.02 -20.50
C TYR A 156 -12.93 -3.98 -19.57
N TYR A 157 -13.80 -4.41 -18.65
CA TYR A 157 -14.38 -3.42 -17.73
C TYR A 157 -13.32 -2.81 -16.81
N SER A 158 -12.43 -3.70 -16.38
CA SER A 158 -11.33 -3.35 -15.51
C SER A 158 -10.57 -2.27 -16.15
N LEU A 159 -10.25 -2.46 -17.43
CA LEU A 159 -9.66 -1.41 -18.25
C LEU A 159 -10.45 -0.08 -18.26
N LEU A 160 -11.78 -0.19 -18.33
CA LEU A 160 -12.61 1.02 -18.31
C LEU A 160 -12.52 1.84 -17.01
N THR A 161 -12.11 1.22 -15.90
CA THR A 161 -11.97 2.02 -14.67
C THR A 161 -10.66 2.87 -14.52
N VAL A 162 -9.69 2.64 -15.39
CA VAL A 162 -8.32 3.15 -15.19
C VAL A 162 -8.08 4.67 -15.02
N PHE A 163 -8.64 5.50 -15.90
CA PHE A 163 -8.48 6.95 -15.71
C PHE A 163 -9.12 7.42 -14.39
N SER A 164 -10.25 6.84 -14.01
CA SER A 164 -10.86 7.10 -12.71
C SER A 164 -9.94 6.77 -11.55
N ILE A 165 -9.28 5.61 -11.61
CA ILE A 165 -8.32 5.21 -10.57
C ILE A 165 -7.13 6.16 -10.46
N MET A 166 -6.59 6.55 -11.61
CA MET A 166 -5.45 7.46 -11.65
C MET A 166 -5.84 8.79 -11.07
N LEU A 167 -7.06 9.21 -11.39
CA LEU A 167 -7.62 10.44 -10.86
C LEU A 167 -7.71 10.41 -9.36
N ILE A 168 -8.31 9.36 -8.81
CA ILE A 168 -8.31 9.15 -7.36
C ILE A 168 -6.90 9.30 -6.82
N GLY A 169 -5.92 8.61 -7.41
CA GLY A 169 -4.54 8.73 -6.95
C GLY A 169 -4.06 10.19 -6.87
N VAL A 170 -4.19 10.89 -7.99
CA VAL A 170 -3.89 12.31 -8.08
C VAL A 170 -4.48 13.10 -6.92
N MET A 171 -5.78 12.92 -6.68
CA MET A 171 -6.47 13.63 -5.61
C MET A 171 -5.97 13.24 -4.22
N MET A 172 -5.71 11.95 -4.06
CA MET A 172 -5.23 11.37 -2.82
C MET A 172 -4.01 12.10 -2.40
N GLY A 173 -3.07 12.20 -3.32
CA GLY A 173 -1.80 12.83 -3.04
C GLY A 173 -1.96 14.33 -2.97
N LEU A 174 -3.05 14.83 -3.56
CA LEU A 174 -3.32 16.26 -3.54
C LEU A 174 -3.63 16.69 -2.13
N PHE A 175 -4.62 16.05 -1.54
CA PHE A 175 -5.06 16.42 -0.21
C PHE A 175 -4.11 15.92 0.85
N GLN A 176 -3.54 14.74 0.63
CA GLN A 176 -2.47 14.22 1.47
C GLN A 176 -1.25 15.16 1.50
N GLY A 177 -0.90 15.75 0.36
CA GLY A 177 0.24 16.65 0.29
C GLY A 177 0.03 17.88 1.14
N ALA A 178 -1.18 18.43 1.11
CA ALA A 178 -1.51 19.66 1.83
C ALA A 178 -1.98 19.38 3.25
N GLY A 179 -1.87 18.12 3.66
CA GLY A 179 -2.14 17.72 5.02
C GLY A 179 -3.60 17.70 5.40
N LYS A 180 -4.50 17.69 4.41
CA LYS A 180 -5.92 17.71 4.73
C LYS A 180 -6.54 16.33 4.64
N ILE A 181 -6.55 15.61 5.75
CA ILE A 181 -6.87 14.18 5.74
C ILE A 181 -8.31 13.92 6.13
N MET A 182 -8.97 14.92 6.69
CA MET A 182 -10.37 14.74 7.02
C MET A 182 -11.14 14.62 5.73
N VAL A 183 -10.66 15.29 4.69
CA VAL A 183 -11.30 15.23 3.38
C VAL A 183 -11.17 13.83 2.79
N ILE A 184 -9.99 13.23 2.97
CA ILE A 184 -9.74 11.85 2.53
C ILE A 184 -10.62 10.84 3.27
N MET A 185 -10.72 10.98 4.59
CA MET A 185 -11.59 10.09 5.34
C MET A 185 -13.06 10.28 5.00
N LYS A 186 -13.50 11.54 4.87
CA LYS A 186 -14.90 11.81 4.59
C LYS A 186 -15.31 11.26 3.22
N ALA A 187 -14.40 11.37 2.24
CA ALA A 187 -14.64 10.78 0.93
C ALA A 187 -14.68 9.24 1.04
N SER A 188 -13.81 8.68 1.89
CA SER A 188 -13.85 7.23 2.14
C SER A 188 -15.23 6.78 2.64
N LEU A 189 -15.76 7.49 3.62
CA LEU A 189 -17.07 7.18 4.19
C LEU A 189 -18.17 7.29 3.13
N LEU A 190 -18.16 8.39 2.38
CA LEU A 190 -19.17 8.60 1.31
C LEU A 190 -19.14 7.45 0.30
N GLY A 191 -17.95 7.01 -0.08
CA GLY A 191 -17.81 5.87 -0.96
C GLY A 191 -18.42 4.60 -0.38
N ALA A 192 -18.04 4.26 0.84
CA ALA A 192 -18.49 3.03 1.47
C ALA A 192 -20.01 2.95 1.55
N LEU A 193 -20.60 4.05 2.00
CA LEU A 193 -22.04 4.22 2.06
C LEU A 193 -22.72 3.97 0.73
N VAL A 194 -22.31 4.76 -0.27
CA VAL A 194 -22.82 4.62 -1.63
C VAL A 194 -22.80 3.15 -2.09
N ASN A 195 -21.67 2.48 -1.93
CA ASN A 195 -21.61 1.08 -2.31
C ASN A 195 -22.63 0.23 -1.55
N ILE A 196 -22.72 0.45 -0.25
CA ILE A 196 -23.67 -0.26 0.60
C ILE A 196 -25.08 -0.15 0.04
N MET A 197 -25.45 1.06 -0.36
CA MET A 197 -26.78 1.33 -0.88
C MET A 197 -27.06 0.82 -2.29
N LEU A 198 -26.10 1.01 -3.19
CA LEU A 198 -26.26 0.65 -4.59
C LEU A 198 -26.15 -0.82 -4.85
N ASP A 199 -25.38 -1.55 -4.05
CA ASP A 199 -25.27 -2.99 -4.24
C ASP A 199 -26.68 -3.62 -4.39
N PRO A 200 -27.56 -3.44 -3.39
CA PRO A 200 -28.89 -4.04 -3.50
C PRO A 200 -29.71 -3.53 -4.68
N ILE A 201 -29.74 -2.22 -4.89
CA ILE A 201 -30.46 -1.65 -6.00
C ILE A 201 -30.03 -2.27 -7.31
N MET A 202 -28.74 -2.40 -7.52
CA MET A 202 -28.25 -3.01 -8.74
C MET A 202 -28.78 -4.43 -8.86
N ILE A 203 -28.73 -5.23 -7.79
CA ILE A 203 -29.15 -6.63 -7.92
C ILE A 203 -30.67 -6.85 -8.03
N PHE A 204 -31.45 -5.95 -7.45
CA PHE A 204 -32.90 -6.13 -7.34
C PHE A 204 -33.66 -5.25 -8.29
N VAL A 205 -33.52 -3.95 -8.17
CA VAL A 205 -34.10 -3.04 -9.15
C VAL A 205 -33.66 -3.31 -10.61
N PHE A 206 -32.36 -3.39 -10.84
CA PHE A 206 -31.85 -3.56 -12.20
C PHE A 206 -31.55 -5.00 -12.67
N ASP A 207 -31.57 -5.98 -11.77
CA ASP A 207 -31.28 -7.39 -12.13
C ASP A 207 -29.94 -7.60 -12.87
N PHE A 208 -28.93 -6.82 -12.51
CA PHE A 208 -27.59 -6.91 -13.12
C PHE A 208 -26.68 -8.03 -12.60
N GLY A 209 -26.79 -8.31 -11.29
CA GLY A 209 -26.01 -9.38 -10.68
C GLY A 209 -24.60 -9.05 -10.19
N VAL A 210 -23.70 -10.01 -10.34
CA VAL A 210 -22.28 -9.81 -10.08
C VAL A 210 -21.77 -8.53 -10.79
N LYS A 211 -22.09 -8.44 -12.08
CA LYS A 211 -21.79 -7.25 -12.86
C LYS A 211 -22.25 -6.00 -12.11
N GLY A 212 -23.46 -6.04 -11.56
CA GLY A 212 -24.00 -4.94 -10.79
C GLY A 212 -23.27 -4.60 -9.49
N VAL A 213 -22.69 -5.58 -8.80
CA VAL A 213 -21.95 -5.22 -7.58
C VAL A 213 -20.61 -4.57 -7.95
N ALA A 214 -20.03 -5.03 -9.06
CA ALA A 214 -18.84 -4.36 -9.60
C ALA A 214 -19.17 -2.89 -9.89
N LEU A 215 -20.19 -2.69 -10.70
CA LEU A 215 -20.61 -1.35 -11.10
C LEU A 215 -20.95 -0.46 -9.92
N ALA A 216 -21.64 -1.02 -8.94
CA ALA A 216 -21.88 -0.32 -7.68
C ALA A 216 -20.58 0.21 -7.09
N SER A 217 -19.60 -0.70 -6.94
CA SER A 217 -18.27 -0.37 -6.42
C SER A 217 -17.56 0.76 -7.18
N PHE A 218 -17.70 0.74 -8.50
CA PHE A 218 -17.11 1.76 -9.39
C PHE A 218 -17.79 3.12 -9.25
N LEU A 219 -19.11 3.10 -9.14
CA LEU A 219 -19.85 4.33 -8.92
C LEU A 219 -19.47 4.92 -7.58
N ALA A 220 -19.22 4.05 -6.60
CA ALA A 220 -18.74 4.50 -5.30
C ALA A 220 -17.37 5.22 -5.40
N GLN A 221 -16.44 4.60 -6.12
CA GLN A 221 -15.18 5.29 -6.39
C GLN A 221 -15.39 6.64 -7.06
N LEU A 222 -16.32 6.71 -8.02
CA LEU A 222 -16.56 7.97 -8.72
C LEU A 222 -17.23 8.99 -7.81
N SER A 223 -17.95 8.51 -6.81
CA SER A 223 -18.50 9.37 -5.79
C SER A 223 -17.36 10.01 -5.00
N MET A 224 -16.34 9.21 -4.71
CA MET A 224 -15.14 9.76 -4.09
C MET A 224 -14.48 10.86 -4.93
N VAL A 225 -14.24 10.57 -6.21
CA VAL A 225 -13.59 11.56 -7.07
C VAL A 225 -14.43 12.83 -7.19
N ALA A 226 -15.74 12.63 -7.14
CA ALA A 226 -16.67 13.73 -7.14
C ALA A 226 -16.43 14.61 -5.91
N TYR A 227 -16.52 13.99 -4.73
CA TYR A 227 -16.39 14.72 -3.48
C TYR A 227 -15.08 15.49 -3.45
N PHE A 228 -13.99 14.83 -3.86
CA PHE A 228 -12.65 15.44 -3.93
C PHE A 228 -12.62 16.67 -4.82
N ILE A 229 -13.23 16.59 -6.01
CA ILE A 229 -13.21 17.74 -6.88
C ILE A 229 -14.07 18.88 -6.32
N TYR A 230 -15.28 18.55 -5.85
CA TYR A 230 -16.13 19.60 -5.31
C TYR A 230 -15.44 20.32 -4.17
N THR A 231 -14.87 19.55 -3.23
CA THR A 231 -14.05 20.13 -2.18
C THR A 231 -13.03 21.06 -2.82
N LEU A 232 -12.34 20.51 -3.80
CA LEU A 232 -11.23 21.20 -4.45
C LEU A 232 -11.68 22.53 -5.02
N MET A 233 -12.95 22.65 -5.34
CA MET A 233 -13.45 23.95 -5.76
C MET A 233 -13.79 24.81 -4.52
N GLY A 234 -13.06 25.92 -4.42
CA GLY A 234 -12.93 26.67 -3.19
C GLY A 234 -11.49 26.59 -2.72
N SER A 249 9.18 21.75 -18.72
CA SER A 249 10.07 21.68 -17.56
C SER A 249 10.42 20.26 -17.12
N TRP A 250 11.19 19.51 -17.91
CA TRP A 250 11.41 18.09 -17.63
C TRP A 250 12.11 17.88 -16.26
N LYS A 251 12.50 18.95 -15.58
CA LYS A 251 13.05 18.76 -14.23
C LYS A 251 11.95 18.29 -13.27
N ILE A 252 10.75 18.88 -13.38
CA ILE A 252 9.66 18.55 -12.47
C ILE A 252 8.97 17.24 -12.89
N TYR A 253 8.90 17.01 -14.19
CA TYR A 253 8.43 15.74 -14.71
C TYR A 253 9.36 14.67 -14.21
N ARG A 254 10.66 14.96 -14.21
CA ARG A 254 11.63 14.00 -13.76
C ARG A 254 11.47 13.74 -12.26
N GLU A 255 11.25 14.77 -11.46
CA GLU A 255 11.13 14.57 -10.02
C GLU A 255 9.90 13.72 -9.68
N PHE A 256 8.74 14.16 -10.19
CA PHE A 256 7.49 13.45 -9.97
C PHE A 256 7.58 12.01 -10.48
N LEU A 257 8.12 11.84 -11.69
CA LEU A 257 8.28 10.52 -12.25
C LEU A 257 9.14 9.66 -11.36
N SER A 258 10.27 10.17 -10.93
CA SER A 258 11.22 9.36 -10.17
C SER A 258 10.61 8.88 -8.86
N VAL A 259 9.97 9.77 -8.12
CA VAL A 259 9.35 9.36 -6.86
C VAL A 259 8.22 8.37 -7.11
N GLY A 260 7.37 8.66 -8.10
CA GLY A 260 6.27 7.76 -8.39
C GLY A 260 6.67 6.38 -8.83
N MET A 261 7.45 6.30 -9.90
CA MET A 261 8.06 5.06 -10.36
C MET A 261 8.74 4.28 -9.26
N ALA A 262 9.54 4.96 -8.45
CA ALA A 262 10.16 4.30 -7.31
C ALA A 262 9.14 3.62 -6.42
N GLN A 263 8.05 4.33 -6.16
CA GLN A 263 6.97 3.76 -5.35
C GLN A 263 6.45 2.47 -5.97
N MET A 264 6.11 2.55 -7.26
CA MET A 264 5.70 1.40 -8.03
C MET A 264 6.70 0.24 -7.96
N LEU A 265 7.99 0.54 -8.12
CA LEU A 265 9.03 -0.49 -8.10
C LEU A 265 9.12 -1.14 -6.72
N MET A 266 8.75 -0.38 -5.68
CA MET A 266 8.74 -0.95 -4.33
C MET A 266 7.57 -1.92 -4.18
N GLN A 267 6.39 -1.51 -4.64
CA GLN A 267 5.25 -2.43 -4.68
C GLN A 267 5.67 -3.74 -5.36
N LEU A 268 6.34 -3.61 -6.51
CA LEU A 268 6.74 -4.74 -7.35
C LEU A 268 7.72 -5.66 -6.65
N ILE A 269 8.69 -5.06 -5.97
CA ILE A 269 9.62 -5.82 -5.13
C ILE A 269 8.88 -6.62 -4.07
N ILE A 270 8.02 -5.98 -3.28
CA ILE A 270 7.24 -6.72 -2.29
C ILE A 270 6.47 -7.90 -2.90
N ALA A 271 5.75 -7.63 -3.98
CA ALA A 271 5.04 -8.69 -4.68
C ALA A 271 5.97 -9.87 -4.92
N VAL A 272 7.12 -9.60 -5.55
CA VAL A 272 8.16 -10.63 -5.77
C VAL A 272 8.52 -11.40 -4.51
N GLY A 273 8.73 -10.67 -3.41
CA GLY A 273 9.05 -11.27 -2.12
C GLY A 273 8.05 -12.34 -1.75
N ILE A 274 6.77 -11.99 -1.83
CA ILE A 274 5.70 -12.97 -1.61
C ILE A 274 5.85 -14.18 -2.53
N VAL A 275 6.05 -13.90 -3.82
CA VAL A 275 6.20 -14.94 -4.84
C VAL A 275 7.31 -15.98 -4.54
N ILE A 276 8.53 -15.50 -4.35
CA ILE A 276 9.62 -16.34 -3.87
C ILE A 276 9.23 -17.17 -2.63
N TYR A 277 8.63 -16.50 -1.64
CA TYR A 277 8.30 -17.17 -0.39
C TYR A 277 7.39 -18.34 -0.65
N ASN A 278 6.32 -18.08 -1.39
CA ASN A 278 5.37 -19.12 -1.78
C ASN A 278 6.08 -20.25 -2.50
N PHE A 279 6.99 -19.91 -3.41
CA PHE A 279 7.76 -20.93 -4.13
C PHE A 279 8.41 -21.90 -3.14
N PHE A 280 9.20 -21.36 -2.23
CA PHE A 280 9.85 -22.22 -1.24
C PHE A 280 8.84 -23.03 -0.41
N ILE A 281 7.83 -22.35 0.12
CA ILE A 281 6.85 -22.99 0.98
C ILE A 281 6.16 -24.19 0.31
N VAL A 282 5.51 -23.96 -0.82
CA VAL A 282 4.85 -25.01 -1.57
C VAL A 282 5.80 -26.13 -2.01
N ARG A 283 6.99 -25.79 -2.51
CA ARG A 283 7.87 -26.85 -2.99
C ARG A 283 8.31 -27.70 -1.79
N LEU A 284 8.26 -27.14 -0.59
CA LEU A 284 8.53 -27.97 0.59
C LEU A 284 7.30 -28.74 1.07
N ASP A 285 6.30 -28.01 1.58
CA ASP A 285 5.10 -28.61 2.17
C ASP A 285 3.80 -27.88 1.76
N VAL A 286 2.90 -28.57 1.06
CA VAL A 286 1.67 -27.93 0.54
C VAL A 286 0.78 -27.37 1.65
N ASN A 287 0.82 -28.05 2.78
CA ASN A 287 0.12 -27.58 3.96
C ASN A 287 0.63 -26.24 4.39
N ALA A 288 1.95 -26.08 4.42
CA ALA A 288 2.55 -24.81 4.79
C ALA A 288 1.91 -23.69 3.93
N MET A 289 1.63 -24.00 2.67
CA MET A 289 1.01 -23.04 1.79
C MET A 289 -0.39 -22.75 2.22
N ALA A 290 -1.12 -23.79 2.62
CA ALA A 290 -2.52 -23.57 3.04
C ALA A 290 -2.57 -22.70 4.28
N ALA A 291 -1.60 -22.95 5.16
CA ALA A 291 -1.42 -22.22 6.40
C ALA A 291 -1.24 -20.73 6.14
N PHE A 292 -0.25 -20.40 5.32
CA PHE A 292 -0.03 -19.01 4.92
C PHE A 292 -1.28 -18.40 4.32
N THR A 293 -1.97 -19.17 3.47
CA THR A 293 -3.23 -18.72 2.88
C THR A 293 -4.24 -18.30 3.93
N LEU A 294 -4.28 -19.00 5.05
CA LEU A 294 -5.08 -18.50 6.18
C LEU A 294 -4.52 -17.23 6.88
N THR A 295 -3.28 -17.29 7.37
CA THR A 295 -2.73 -16.21 8.19
C THR A 295 -2.62 -14.84 7.52
N GLY A 296 -2.47 -14.83 6.19
CA GLY A 296 -2.19 -13.60 5.48
C GLY A 296 -3.06 -12.37 5.77
N ARG A 297 -4.39 -12.51 5.70
CA ARG A 297 -5.28 -11.37 5.94
C ARG A 297 -5.06 -10.72 7.32
N ILE A 298 -4.82 -11.54 8.34
CA ILE A 298 -4.50 -10.99 9.66
C ILE A 298 -3.14 -10.33 9.65
N ASP A 299 -2.11 -11.03 9.17
CA ASP A 299 -0.75 -10.48 9.13
C ASP A 299 -0.68 -9.12 8.46
N TYR A 300 -1.52 -8.92 7.45
CA TYR A 300 -1.61 -7.63 6.77
C TYR A 300 -2.34 -6.63 7.65
N PHE A 301 -3.52 -7.03 8.15
CA PHE A 301 -4.26 -6.14 9.03
C PHE A 301 -3.41 -5.57 10.19
N ILE A 302 -2.57 -6.40 10.79
CA ILE A 302 -1.70 -5.98 11.87
C ILE A 302 -0.79 -4.85 11.40
N ILE A 303 -0.30 -5.00 10.17
CA ILE A 303 0.56 -3.99 9.56
C ILE A 303 -0.16 -2.66 9.39
N THR A 304 -1.43 -2.68 8.97
CA THR A 304 -2.02 -1.42 8.44
C THR A 304 -1.90 -0.12 9.31
N PRO A 305 -1.91 -0.23 10.66
CA PRO A 305 -1.76 1.04 11.38
C PRO A 305 -0.41 1.70 11.10
N MET A 306 0.62 0.88 10.96
CA MET A 306 1.93 1.37 10.54
C MET A 306 1.86 2.10 9.20
N LEU A 307 0.96 1.62 8.35
CA LEU A 307 0.78 2.20 7.03
C LEU A 307 0.22 3.60 7.14
N ALA A 308 -0.85 3.76 7.92
CA ALA A 308 -1.43 5.09 8.12
C ALA A 308 -0.42 6.06 8.77
N ILE A 309 0.34 5.55 9.73
CA ILE A 309 1.41 6.37 10.31
C ILE A 309 2.36 6.83 9.21
N ALA A 310 2.72 5.89 8.32
CA ALA A 310 3.60 6.20 7.18
C ALA A 310 3.03 7.34 6.33
N THR A 311 1.73 7.26 6.03
CA THR A 311 1.10 8.32 5.26
C THR A 311 1.18 9.68 5.95
N ALA A 312 0.97 9.73 7.26
CA ALA A 312 1.09 11.01 7.94
C ALA A 312 2.53 11.53 7.89
N LEU A 313 3.48 10.62 8.15
CA LEU A 313 4.90 10.98 8.18
C LEU A 313 5.40 11.54 6.85
N LEU A 314 4.81 11.06 5.76
CA LEU A 314 5.12 11.63 4.45
C LEU A 314 4.93 13.14 4.41
N THR A 315 3.74 13.60 4.82
CA THR A 315 3.38 15.02 4.86
C THR A 315 4.24 15.83 5.78
N VAL A 316 4.43 15.32 7.00
CA VAL A 316 5.23 16.01 8.00
C VAL A 316 6.69 16.17 7.54
N VAL A 317 7.30 15.08 7.09
CA VAL A 317 8.68 15.16 6.66
C VAL A 317 8.78 16.03 5.43
N GLY A 318 7.84 15.91 4.51
CA GLY A 318 7.86 16.75 3.32
C GLY A 318 7.85 18.23 3.67
N GLN A 319 6.89 18.62 4.51
CA GLN A 319 6.63 20.02 4.82
C GLN A 319 7.68 20.65 5.71
N ASN A 320 8.19 19.91 6.69
CA ASN A 320 9.31 20.44 7.44
C ASN A 320 10.59 20.46 6.61
N TRP A 321 10.77 19.50 5.72
CA TRP A 321 11.96 19.42 4.88
C TRP A 321 12.04 20.66 4.06
N GLY A 322 10.91 21.03 3.48
CA GLY A 322 10.85 22.16 2.59
C GLY A 322 11.03 23.47 3.30
N HIS A 323 10.81 23.43 4.61
CA HIS A 323 10.92 24.59 5.46
C HIS A 323 12.33 24.65 6.02
N GLY A 324 13.17 23.72 5.58
CA GLY A 324 14.57 23.73 5.95
C GLY A 324 14.93 23.23 7.34
N ASN A 325 13.97 22.63 8.03
CA ASN A 325 14.27 22.12 9.37
C ASN A 325 14.47 20.59 9.31
N VAL A 326 15.73 20.16 9.29
CA VAL A 326 16.04 18.75 9.06
C VAL A 326 15.89 17.96 10.35
N THR A 327 16.40 18.56 11.42
CA THR A 327 16.31 18.06 12.78
C THR A 327 14.89 17.63 13.19
N ARG A 328 13.90 18.42 12.80
CA ARG A 328 12.52 18.01 13.05
C ARG A 328 12.11 16.83 12.16
N THR A 329 12.56 16.78 10.91
CA THR A 329 12.17 15.68 10.06
C THR A 329 12.70 14.36 10.64
N LEU A 330 13.92 14.41 11.19
CA LEU A 330 14.56 13.23 11.80
C LEU A 330 13.80 12.85 13.04
N ASN A 331 13.40 13.86 13.81
CA ASN A 331 12.54 13.59 14.94
C ASN A 331 11.20 13.03 14.53
N ALA A 332 10.67 13.45 13.40
CA ALA A 332 9.37 13.01 13.00
C ALA A 332 9.48 11.55 12.72
N TYR A 333 10.55 11.18 12.02
CA TYR A 333 10.76 9.79 11.71
C TYR A 333 10.79 8.97 13.00
N TRP A 334 11.55 9.44 13.98
CA TRP A 334 11.70 8.61 15.16
C TRP A 334 10.43 8.58 16.03
N ALA A 335 9.66 9.67 16.04
CA ALA A 335 8.34 9.72 16.71
C ALA A 335 7.41 8.68 16.11
N ALA A 336 7.39 8.63 14.77
CA ALA A 336 6.59 7.65 14.04
C ALA A 336 7.01 6.24 14.38
N VAL A 337 8.28 5.91 14.22
CA VAL A 337 8.79 4.58 14.62
C VAL A 337 8.41 4.22 16.07
N ALA A 338 8.43 5.19 16.98
CA ALA A 338 7.86 4.97 18.30
C ALA A 338 6.38 4.51 18.23
N LEU A 339 5.50 5.35 17.69
CA LEU A 339 4.08 4.97 17.63
C LEU A 339 3.80 3.62 16.93
N ALA A 340 4.39 3.47 15.75
CA ALA A 340 4.17 2.32 14.86
C ALA A 340 4.67 1.06 15.51
N PHE A 341 5.89 1.12 16.04
CA PHE A 341 6.44 -0.02 16.75
C PHE A 341 5.56 -0.44 17.93
N SER A 342 5.17 0.54 18.75
CA SER A 342 4.32 0.25 19.91
C SER A 342 3.02 -0.49 19.58
N ILE A 343 2.29 0.11 18.65
CA ILE A 343 1.01 -0.44 18.22
C ILE A 343 1.12 -1.79 17.54
N VAL A 344 1.91 -1.87 16.48
CA VAL A 344 2.14 -3.17 15.84
C VAL A 344 2.66 -4.25 16.81
N LEU A 345 3.50 -3.86 17.76
CA LEU A 345 3.99 -4.83 18.74
C LEU A 345 2.84 -5.42 19.56
N VAL A 346 2.01 -4.54 20.13
CA VAL A 346 0.81 -5.01 20.86
C VAL A 346 -0.02 -5.98 20.02
N LEU A 347 -0.27 -5.59 18.77
CA LEU A 347 -1.08 -6.43 17.91
C LEU A 347 -0.45 -7.77 17.61
N ALA A 348 0.83 -7.80 17.27
CA ALA A 348 1.55 -9.07 17.07
C ALA A 348 1.51 -9.99 18.29
N VAL A 349 1.63 -9.40 19.47
CA VAL A 349 1.57 -10.18 20.69
C VAL A 349 0.20 -10.81 20.83
N MET A 350 -0.87 -10.03 20.64
CA MET A 350 -2.22 -10.63 20.63
C MET A 350 -2.38 -11.68 19.56
N HIS A 351 -1.75 -11.49 18.40
CA HIS A 351 -1.85 -12.50 17.35
C HIS A 351 -1.20 -13.82 17.80
N ILE A 352 -0.11 -13.70 18.55
CA ILE A 352 0.55 -14.89 19.09
C ILE A 352 -0.32 -15.57 20.12
N VAL A 353 -0.82 -14.83 21.09
CA VAL A 353 -1.60 -15.48 22.12
C VAL A 353 -2.90 -16.03 21.50
N LEU A 354 -3.42 -15.35 20.50
CA LEU A 354 -4.64 -15.82 19.87
C LEU A 354 -4.48 -17.08 19.04
N ALA A 355 -3.35 -17.18 18.32
CA ALA A 355 -3.22 -18.14 17.23
C ALA A 355 -3.49 -19.62 17.57
N PRO A 356 -2.92 -20.14 18.68
CA PRO A 356 -3.17 -21.56 18.95
C PRO A 356 -4.64 -21.91 19.13
N TRP A 357 -5.40 -21.00 19.70
CA TRP A 357 -6.82 -21.20 19.87
C TRP A 357 -7.57 -20.84 18.59
N MET A 358 -7.04 -19.88 17.86
CA MET A 358 -7.80 -19.27 16.77
C MET A 358 -7.77 -20.08 15.48
N TYR A 359 -6.59 -20.56 15.12
CA TYR A 359 -6.41 -21.23 13.83
C TYR A 359 -7.05 -22.61 13.67
N PRO A 360 -7.03 -23.46 14.73
CA PRO A 360 -7.75 -24.74 14.70
C PRO A 360 -9.23 -24.66 14.30
N LEU A 361 -9.86 -23.49 14.47
CA LEU A 361 -11.22 -23.26 14.02
C LEU A 361 -11.31 -22.87 12.55
N PHE A 362 -10.19 -22.54 11.92
CA PHE A 362 -10.28 -22.17 10.51
C PHE A 362 -10.12 -23.33 9.54
N THR A 363 -9.59 -24.44 10.01
CA THR A 363 -9.35 -25.57 9.14
C THR A 363 -9.37 -26.87 9.90
N ARG A 364 -9.82 -27.92 9.21
CA ARG A 364 -9.87 -29.25 9.80
C ARG A 364 -8.59 -30.08 9.55
N VAL A 365 -7.67 -29.58 8.71
CA VAL A 365 -6.37 -30.21 8.51
C VAL A 365 -5.37 -29.74 9.57
N VAL A 366 -4.90 -30.64 10.42
CA VAL A 366 -4.15 -30.21 11.61
C VAL A 366 -2.72 -29.71 11.38
N ALA A 367 -2.00 -30.23 10.38
CA ALA A 367 -0.67 -29.70 10.16
C ALA A 367 -0.79 -28.39 9.42
N VAL A 368 -1.95 -28.11 8.83
CA VAL A 368 -2.15 -26.78 8.26
C VAL A 368 -2.32 -25.74 9.38
N SER A 369 -3.21 -26.01 10.33
CA SER A 369 -3.37 -25.10 11.45
C SER A 369 -2.09 -25.06 12.31
N ASP A 370 -1.36 -26.17 12.36
CA ASP A 370 -0.15 -26.22 13.15
C ASP A 370 0.98 -25.44 12.52
N TYR A 371 1.08 -25.52 11.19
CA TYR A 371 2.00 -24.67 10.44
C TYR A 371 1.66 -23.23 10.70
N ALA A 372 0.40 -22.87 10.46
CA ALA A 372 -0.09 -21.52 10.70
C ALA A 372 0.34 -20.98 12.08
N VAL A 373 0.21 -21.82 13.10
CA VAL A 373 0.56 -21.44 14.46
C VAL A 373 2.07 -21.30 14.66
N LEU A 374 2.84 -22.17 14.01
CA LEU A 374 4.31 -22.12 14.14
C LEU A 374 4.89 -20.90 13.44
N GLN A 375 4.34 -20.63 12.27
CA GLN A 375 4.61 -19.42 11.52
C GLN A 375 4.38 -18.22 12.39
N THR A 376 3.13 -18.02 12.82
CA THR A 376 2.81 -16.91 13.73
C THR A 376 3.74 -16.82 14.96
N ARG A 377 3.90 -17.90 15.72
CA ARG A 377 4.83 -17.91 16.86
C ARG A 377 6.24 -17.43 16.47
N ILE A 378 6.79 -17.96 15.37
CA ILE A 378 8.17 -17.66 14.99
C ILE A 378 8.36 -16.26 14.44
N MET A 379 7.50 -15.87 13.49
CA MET A 379 7.67 -14.65 12.71
C MET A 379 6.95 -13.43 13.25
N ALA A 380 6.06 -13.59 14.22
CA ALA A 380 5.19 -12.47 14.53
C ALA A 380 5.96 -11.25 15.05
N LEU A 381 7.05 -11.44 15.79
CA LEU A 381 7.65 -10.28 16.45
C LEU A 381 8.61 -9.54 15.51
N ALA A 382 8.87 -10.11 14.34
CA ALA A 382 9.64 -9.36 13.36
C ALA A 382 8.76 -8.23 12.81
N LEU A 383 7.47 -8.29 13.11
CA LEU A 383 6.51 -7.34 12.55
C LEU A 383 6.66 -5.91 13.01
N PRO A 384 6.80 -5.67 14.32
CA PRO A 384 7.00 -4.26 14.70
C PRO A 384 8.25 -3.67 14.06
N PHE A 385 9.25 -4.51 13.83
CA PHE A 385 10.53 -4.10 13.23
C PHE A 385 10.41 -3.74 11.75
N VAL A 386 9.28 -4.03 11.16
CA VAL A 386 9.08 -3.62 9.79
C VAL A 386 8.91 -2.09 9.79
N ALA A 387 8.51 -1.54 10.94
CA ALA A 387 8.26 -0.11 10.99
C ALA A 387 9.54 0.67 10.78
N ILE A 388 10.63 0.16 11.32
CA ILE A 388 11.89 0.88 11.22
C ILE A 388 12.26 1.10 9.74
N SER A 389 12.43 0.01 8.99
CA SER A 389 12.74 0.04 7.56
C SER A 389 11.67 0.71 6.71
N LEU A 390 10.43 0.24 6.82
CA LEU A 390 9.36 0.79 6.00
C LEU A 390 9.21 2.32 6.15
N LEU A 391 9.14 2.78 7.40
CA LEU A 391 8.97 4.20 7.66
C LEU A 391 10.14 4.97 7.11
N ALA A 392 11.34 4.38 7.13
CA ALA A 392 12.52 5.06 6.61
C ALA A 392 12.40 5.22 5.09
N SER A 393 11.81 4.21 4.44
CA SER A 393 11.52 4.31 3.00
C SER A 393 10.57 5.45 2.70
N GLU A 394 9.79 5.85 3.70
CA GLU A 394 8.88 6.97 3.52
C GLU A 394 9.66 8.25 3.59
N TYR A 395 10.57 8.34 4.55
CA TYR A 395 11.36 9.56 4.76
C TYR A 395 12.06 9.91 3.46
N TYR A 396 12.81 8.95 2.92
CA TYR A 396 13.54 9.18 1.68
C TYR A 396 12.64 9.53 0.50
N GLN A 397 11.39 9.08 0.52
CA GLN A 397 10.42 9.51 -0.48
C GLN A 397 9.98 10.96 -0.28
N ALA A 398 9.83 11.33 0.96
CA ALA A 398 9.37 12.65 1.27
C ALA A 398 10.40 13.68 0.85
N ILE A 399 11.67 13.33 0.96
CA ILE A 399 12.72 14.30 0.70
C ILE A 399 13.23 14.15 -0.73
N GLY A 400 12.60 13.24 -1.48
CA GLY A 400 12.86 13.07 -2.89
C GLY A 400 14.18 12.39 -3.19
N LYS A 401 14.56 11.44 -2.35
CA LYS A 401 15.80 10.66 -2.52
C LYS A 401 15.47 9.15 -2.56
N PRO A 402 14.71 8.73 -3.57
CA PRO A 402 14.00 7.44 -3.60
C PRO A 402 14.91 6.22 -3.75
N TRP A 403 16.14 6.45 -4.20
CA TRP A 403 17.14 5.39 -4.28
C TRP A 403 17.26 4.60 -2.96
N TYR A 404 17.28 5.32 -1.84
CA TYR A 404 17.47 4.68 -0.53
C TYR A 404 16.17 4.02 -0.04
N SER A 405 15.03 4.49 -0.55
CA SER A 405 13.76 3.79 -0.33
C SER A 405 13.79 2.43 -0.98
N VAL A 406 14.18 2.40 -2.26
CA VAL A 406 14.21 1.15 -3.00
C VAL A 406 15.23 0.22 -2.38
N LEU A 407 16.40 0.77 -2.08
CA LEU A 407 17.46 0.02 -1.40
C LEU A 407 16.99 -0.67 -0.11
N LEU A 408 16.29 0.08 0.74
CA LEU A 408 15.77 -0.48 1.99
C LEU A 408 14.74 -1.57 1.72
N THR A 409 13.87 -1.36 0.73
CA THR A 409 12.90 -2.41 0.39
C THR A 409 13.59 -3.70 -0.06
N LEU A 410 14.57 -3.58 -0.95
CA LEU A 410 15.34 -4.73 -1.44
C LEU A 410 16.06 -5.43 -0.29
N MET A 411 16.49 -4.64 0.67
CA MET A 411 17.15 -5.19 1.82
C MET A 411 16.21 -6.09 2.58
N ARG A 412 15.00 -5.56 2.84
CA ARG A 412 13.96 -6.29 3.56
C ARG A 412 13.55 -7.59 2.83
N HIS A 413 13.17 -7.47 1.56
CA HIS A 413 12.62 -8.61 0.81
C HIS A 413 13.52 -9.48 -0.09
N VAL A 414 14.75 -9.08 -0.41
CA VAL A 414 15.52 -9.90 -1.36
C VAL A 414 16.94 -10.27 -0.90
N PHE A 415 17.79 -9.26 -0.71
CA PHE A 415 19.23 -9.48 -0.57
C PHE A 415 19.72 -10.38 0.57
N ILE A 416 18.97 -10.44 1.66
CA ILE A 416 19.43 -11.22 2.80
C ILE A 416 18.61 -12.49 2.88
N SER A 417 17.29 -12.31 2.91
CA SER A 417 16.37 -13.42 3.00
C SER A 417 16.70 -14.59 2.07
N VAL A 418 16.89 -14.34 0.78
CA VAL A 418 17.03 -15.44 -0.16
C VAL A 418 18.22 -16.36 0.16
N PRO A 419 19.47 -15.83 0.20
CA PRO A 419 20.57 -16.76 0.53
C PRO A 419 20.48 -17.42 1.91
N VAL A 420 19.92 -16.73 2.90
CA VAL A 420 19.80 -17.30 4.25
C VAL A 420 18.70 -18.37 4.34
N VAL A 421 17.53 -18.06 3.79
CA VAL A 421 16.46 -19.04 3.65
C VAL A 421 17.03 -20.27 2.98
N TYR A 422 17.72 -20.10 1.86
CA TYR A 422 18.25 -21.25 1.16
C TYR A 422 19.26 -22.00 2.05
N LEU A 423 20.15 -21.28 2.74
CA LEU A 423 21.07 -21.91 3.69
C LEU A 423 20.40 -22.75 4.79
N LEU A 424 19.34 -22.22 5.39
CA LEU A 424 18.67 -22.87 6.51
C LEU A 424 17.72 -23.96 6.07
N ALA A 425 17.01 -23.72 4.97
CA ALA A 425 15.88 -24.56 4.57
C ALA A 425 16.23 -25.71 3.63
N ILE A 426 17.41 -25.67 3.01
CA ILE A 426 17.84 -26.74 2.11
C ILE A 426 19.18 -27.27 2.56
N VAL A 427 20.18 -26.39 2.54
CA VAL A 427 21.55 -26.74 2.90
C VAL A 427 21.66 -27.33 4.31
N LEU A 428 21.53 -26.51 5.35
CA LEU A 428 21.28 -27.05 6.68
C LEU A 428 19.91 -27.68 6.49
N GLU A 429 19.55 -28.70 7.24
CA GLU A 429 18.38 -29.46 6.77
C GLU A 429 17.02 -29.07 7.35
N MET A 430 16.95 -27.96 8.09
CA MET A 430 15.66 -27.38 8.55
C MET A 430 14.81 -27.20 7.31
N ARG A 431 13.48 -27.29 7.40
CA ARG A 431 12.75 -27.18 6.15
C ARG A 431 11.80 -26.00 6.12
N ILE A 432 10.62 -26.13 6.71
CA ILE A 432 9.74 -24.98 6.65
C ILE A 432 10.22 -24.01 7.72
N THR A 433 10.77 -24.54 8.81
CA THR A 433 11.23 -23.67 9.88
C THR A 433 12.32 -22.74 9.38
N GLY A 434 13.16 -23.23 8.49
CA GLY A 434 14.27 -22.45 7.98
C GLY A 434 13.76 -21.32 7.12
N VAL A 435 12.65 -21.58 6.47
CA VAL A 435 11.99 -20.55 5.68
C VAL A 435 11.43 -19.48 6.62
N TYR A 436 10.79 -19.91 7.70
CA TYR A 436 10.24 -18.98 8.65
C TYR A 436 11.35 -18.06 9.16
N PHE A 437 12.46 -18.62 9.63
CA PHE A 437 13.54 -17.78 10.14
C PHE A 437 14.28 -16.93 9.10
N GLY A 438 14.54 -17.58 7.98
CA GLY A 438 15.35 -17.00 6.95
C GLY A 438 14.63 -15.78 6.44
N ALA A 439 13.33 -15.92 6.24
CA ALA A 439 12.53 -14.85 5.67
C ALA A 439 12.62 -13.58 6.52
N MET A 440 12.63 -13.75 7.84
CA MET A 440 12.59 -12.55 8.65
C MET A 440 13.97 -11.96 8.91
N SER A 441 15.03 -12.72 8.67
CA SER A 441 16.37 -12.14 8.82
C SER A 441 16.53 -10.76 8.10
N GLY A 442 16.05 -10.67 6.86
CA GLY A 442 16.15 -9.45 6.07
C GLY A 442 15.54 -8.24 6.79
N THR A 443 14.38 -8.46 7.43
CA THR A 443 13.65 -7.43 8.17
C THR A 443 14.48 -6.73 9.25
N PHE A 444 15.20 -7.56 10.00
CA PHE A 444 16.15 -7.07 10.98
C PHE A 444 17.33 -6.33 10.33
N VAL A 445 17.92 -6.88 9.26
CA VAL A 445 19.07 -6.17 8.67
C VAL A 445 18.68 -4.78 8.15
N ALA A 446 17.54 -4.68 7.49
CA ALA A 446 17.12 -3.38 6.98
C ALA A 446 16.79 -2.48 8.18
N ALA A 447 16.25 -3.05 9.26
CA ALA A 447 16.05 -2.25 10.47
C ALA A 447 17.37 -1.59 10.92
N LEU A 448 18.43 -2.37 11.05
CA LEU A 448 19.74 -1.82 11.41
C LEU A 448 20.25 -0.73 10.45
N LEU A 449 20.09 -0.96 9.15
CA LEU A 449 20.52 0.02 8.15
C LEU A 449 19.77 1.34 8.28
N ALA A 450 18.46 1.26 8.45
CA ALA A 450 17.67 2.47 8.70
C ALA A 450 18.15 3.21 9.93
N TRP A 451 18.31 2.51 11.05
CA TRP A 451 18.88 3.10 12.25
C TRP A 451 20.18 3.87 11.97
N ARG A 452 21.08 3.30 11.16
CA ARG A 452 22.35 3.99 10.88
C ARG A 452 22.18 5.15 9.92
N LEU A 453 21.20 5.06 9.04
CA LEU A 453 21.01 6.09 8.04
C LEU A 453 20.28 7.31 8.58
N LEU A 454 19.31 7.10 9.45
CA LEU A 454 18.46 8.22 9.77
C LEU A 454 19.08 8.97 10.95
N ARG A 455 19.79 10.03 10.61
CA ARG A 455 20.50 10.81 11.60
C ARG A 455 21.19 11.98 10.92
N LEU A 456 21.46 13.02 11.69
CA LEU A 456 22.13 14.20 11.15
C LEU A 456 23.48 13.81 10.56
N SER A 457 23.73 14.25 9.34
CA SER A 457 24.96 13.98 8.63
C SER A 457 25.29 15.19 7.78
N PRO A 458 26.56 15.33 7.37
CA PRO A 458 26.82 16.37 6.40
C PRO A 458 26.01 16.15 5.12
N ARG A 459 25.96 14.93 4.60
CA ARG A 459 25.27 14.69 3.32
C ARG A 459 23.81 15.07 3.36
N LEU A 460 23.12 14.74 4.45
CA LEU A 460 21.70 15.06 4.57
C LEU A 460 21.48 16.58 4.62
N LEU A 461 22.34 17.27 5.39
CA LEU A 461 22.24 18.71 5.60
C LEU A 461 22.49 19.47 4.29
N ARG A 462 23.48 18.98 3.53
CA ARG A 462 23.78 19.55 2.23
C ARG A 462 22.69 19.26 1.17
N TRP A 463 22.12 18.06 1.21
CA TRP A 463 20.91 17.74 0.44
C TRP A 463 19.79 18.77 0.62
N ASN A 464 19.54 19.12 1.88
CA ASN A 464 18.50 20.10 2.18
C ASN A 464 18.89 21.51 1.77
N GLN A 465 20.15 21.91 1.95
CA GLN A 465 20.58 23.20 1.44
C GLN A 465 20.34 23.30 -0.06
N GLU A 466 20.94 22.36 -0.80
CA GLU A 466 20.79 22.21 -2.27
C GLU A 466 19.33 22.32 -2.71
N ALA A 467 18.47 21.66 -1.94
CA ALA A 467 17.04 21.65 -2.18
C ALA A 467 16.44 23.04 -2.07
N VAL A 468 16.78 23.75 -0.99
CA VAL A 468 16.28 25.13 -0.77
C VAL A 468 17.31 26.20 -1.12
RB RB B . 6.09 -10.86 5.91
AS CAC C . 25.25 13.39 -3.45
O1 CAC C . 25.69 14.47 -2.30
O2 CAC C . 25.02 11.78 -2.74
C1 CAC C . 23.64 14.02 -4.30
C2 CAC C . 26.61 13.37 -4.82
#